data_8QTJ
#
_entry.id   8QTJ
#
_cell.length_a   57.127
_cell.length_b   75.159
_cell.length_c   98.033
_cell.angle_alpha   90.00
_cell.angle_beta   90.00
_cell.angle_gamma   90.00
#
_symmetry.space_group_name_H-M   'P 21 21 21'
#
loop_
_entity.id
_entity.type
_entity.pdbx_description
1 polymer 'E3 ubiquitin-protein ligase CBL-B'
2 non-polymer 'ZINC ION'
3 non-polymer 'SODIUM ION'
4 non-polymer 3-[3-[3-methyl-1-(4-methyl-1,2,4-triazol-3-yl)cyclobutyl]phenyl]-1-[(1~{R})-1-(1-methylpyrazol-4-yl)ethyl]-5-(trifluoromethyl)pyridin-2-one
5 water water
#
_entity_poly.entity_id   1
_entity_poly.type   'polypeptide(L)'
_entity_poly.pdbx_seq_one_letter_code
;HMPKQAAADRRTVEKTWKLMDKVVRLCQNPKLQLKNSPPYILDILPDTYQHLRLILSKYDDNQKLAQLSENEYFKIYIDS
LMKKSKRAIRLFKEGKERMYEEQSQDRRNLTKLSLIFSHMLAEIKAIFPNGQFQGDNFRITKADAAEFWRKFFGDKTIVP
WKVFRQCLHEVHQISSGLEAMALKSTIDLTCNDYISVFEFDIFTRLFQPWGSILRNWNFLAVTHPGYMAFLTYDEVKARL
QKYSTKPGSYIFRLSCTRLGQWAIGYVTGDGNILQTIPHNKPLFQALIDGSREGFYLYPDGRSYNPDLTGLCEPTPHDHI
KVTQEQYELYCEMGSTFQLCKICAENDKDVKIEPCGHLMCTSCLTAWQESDGQGCPFCRCEIKGTEPIIVDPFD
;
_entity_poly.pdbx_strand_id   A
#
# COMPACT_ATOMS: atom_id res chain seq x y z
N LYS A 4 10.51 8.25 16.49
CA LYS A 4 10.12 9.44 17.26
C LYS A 4 9.93 10.64 16.36
N GLN A 5 8.69 11.10 16.22
CA GLN A 5 8.40 12.27 15.39
C GLN A 5 8.35 13.54 16.22
N ALA A 6 8.62 14.68 15.59
CA ALA A 6 8.54 15.99 16.23
C ALA A 6 7.05 16.46 16.31
N ALA A 7 6.75 17.47 17.13
CA ALA A 7 5.40 17.98 17.29
C ALA A 7 4.92 18.66 16.00
N ALA A 8 3.73 18.28 15.55
CA ALA A 8 3.17 18.85 14.33
C ALA A 8 2.54 20.20 14.60
N ASP A 9 3.39 21.21 14.82
CA ASP A 9 2.93 22.55 15.07
C ASP A 9 2.65 23.24 13.72
N ARG A 10 2.13 24.45 13.74
CA ARG A 10 1.82 25.20 12.53
C ARG A 10 3.05 25.32 11.61
N ARG A 11 4.20 25.69 12.19
CA ARG A 11 5.46 25.80 11.46
C ARG A 11 5.79 24.57 10.65
N THR A 12 5.63 23.37 11.24
CA THR A 12 5.90 22.09 10.60
C THR A 12 4.86 21.80 9.51
N VAL A 13 3.56 22.04 9.78
CA VAL A 13 2.53 21.87 8.73
C VAL A 13 2.85 22.75 7.49
N GLU A 14 3.26 24.01 7.71
CA GLU A 14 3.62 24.96 6.65
C GLU A 14 4.84 24.54 5.86
N LYS A 15 5.80 23.87 6.51
CA LYS A 15 6.96 23.29 5.78
C LYS A 15 6.48 22.26 4.76
N THR A 16 5.48 21.41 5.11
CA THR A 16 4.95 20.41 4.19
C THR A 16 4.25 21.04 3.00
N TRP A 17 3.59 22.21 3.20
CA TRP A 17 2.95 22.93 2.10
C TRP A 17 3.99 23.37 1.09
N LYS A 18 5.11 23.91 1.57
CA LYS A 18 6.16 24.42 0.68
C LYS A 18 6.77 23.27 -0.10
N LEU A 19 7.00 22.12 0.58
CA LEU A 19 7.54 20.93 -0.09
C LEU A 19 6.57 20.40 -1.15
N MET A 20 5.25 20.34 -0.83
CA MET A 20 4.21 19.89 -1.78
C MET A 20 4.16 20.84 -2.98
N ASP A 21 4.36 22.16 -2.76
CA ASP A 21 4.38 23.16 -3.80
C ASP A 21 5.56 22.91 -4.78
N LYS A 22 6.74 22.54 -4.25
CA LYS A 22 7.87 22.20 -5.12
C LYS A 22 7.55 20.93 -5.94
N VAL A 23 6.88 19.93 -5.33
CA VAL A 23 6.52 18.68 -6.03
C VAL A 23 5.52 18.99 -7.15
N VAL A 24 4.50 19.81 -6.86
CA VAL A 24 3.55 20.23 -7.90
C VAL A 24 4.27 20.92 -9.10
N ARG A 25 5.16 21.87 -8.84
CA ARG A 25 5.88 22.56 -9.91
C ARG A 25 6.71 21.58 -10.75
N LEU A 26 7.45 20.65 -10.10
CA LEU A 26 8.23 19.64 -10.79
C LEU A 26 7.32 18.80 -11.70
N CYS A 27 6.13 18.45 -11.20
CA CYS A 27 5.15 17.64 -11.92
C CYS A 27 4.39 18.41 -13.00
N GLN A 28 4.45 19.74 -13.00
CA GLN A 28 3.81 20.60 -14.01
C GLN A 28 4.64 20.71 -15.29
N ASN A 29 5.91 20.24 -15.26
CA ASN A 29 6.84 20.21 -16.41
C ASN A 29 6.17 19.47 -17.57
N PRO A 30 6.00 20.14 -18.73
CA PRO A 30 5.36 19.46 -19.87
C PRO A 30 6.20 18.32 -20.45
N LYS A 31 7.54 18.35 -20.25
CA LYS A 31 8.42 17.26 -20.71
C LYS A 31 8.05 15.91 -20.11
N LEU A 32 7.35 15.91 -18.95
CA LEU A 32 6.90 14.70 -18.29
C LEU A 32 5.79 14.00 -19.05
N GLN A 33 4.98 14.75 -19.85
CA GLN A 33 3.81 14.20 -20.58
C GLN A 33 2.89 13.46 -19.61
N LEU A 34 2.71 14.04 -18.42
CA LEU A 34 1.92 13.48 -17.33
C LEU A 34 0.44 13.40 -17.64
N LYS A 35 -0.11 12.20 -17.58
CA LYS A 35 -1.52 11.95 -17.80
C LYS A 35 -2.38 12.45 -16.62
N ASN A 36 -3.55 13.00 -16.94
CA ASN A 36 -4.53 13.49 -15.98
C ASN A 36 -5.37 12.25 -15.75
N SER A 37 -4.80 11.28 -14.99
CA SER A 37 -5.38 9.96 -14.70
C SER A 37 -4.99 9.51 -13.28
N PRO A 38 -5.92 8.87 -12.57
CA PRO A 38 -5.67 8.56 -11.17
C PRO A 38 -4.57 7.58 -10.89
N PRO A 39 -3.83 7.80 -9.80
CA PRO A 39 -3.85 8.99 -8.92
C PRO A 39 -3.14 10.18 -9.60
N TYR A 40 -3.84 11.31 -9.75
CA TYR A 40 -3.26 12.51 -10.38
C TYR A 40 -2.69 13.42 -9.30
N ILE A 41 -1.38 13.44 -9.18
CA ILE A 41 -0.66 14.18 -8.15
C ILE A 41 -0.96 15.69 -8.20
N LEU A 42 -1.27 16.25 -9.39
CA LEU A 42 -1.59 17.66 -9.53
C LEU A 42 -2.96 18.03 -8.93
N ASP A 43 -3.85 17.06 -8.70
CA ASP A 43 -5.10 17.30 -8.01
C ASP A 43 -4.89 16.92 -6.52
N ILE A 44 -4.20 15.79 -6.26
CA ILE A 44 -4.05 15.31 -4.88
C ILE A 44 -3.35 16.29 -3.97
N LEU A 45 -2.21 16.88 -4.40
CA LEU A 45 -1.45 17.76 -3.50
C LEU A 45 -2.20 19.04 -3.17
N PRO A 46 -2.81 19.78 -4.11
CA PRO A 46 -3.65 20.92 -3.72
C PRO A 46 -4.80 20.51 -2.77
N ASP A 47 -5.47 19.37 -3.02
CA ASP A 47 -6.53 18.84 -2.14
C ASP A 47 -6.00 18.52 -0.72
N THR A 48 -4.73 18.06 -0.63
CA THR A 48 -4.09 17.76 0.65
C THR A 48 -3.85 19.07 1.39
N TYR A 49 -3.35 20.10 0.66
CA TYR A 49 -3.19 21.42 1.26
C TYR A 49 -4.55 21.94 1.78
N GLN A 50 -5.63 21.81 0.97
CA GLN A 50 -6.95 22.34 1.39
C GLN A 50 -7.47 21.62 2.65
N HIS A 51 -7.26 20.29 2.76
CA HIS A 51 -7.65 19.56 3.96
C HIS A 51 -6.86 20.01 5.15
N LEU A 52 -5.55 20.23 4.98
CA LEU A 52 -4.71 20.71 6.09
C LEU A 52 -5.17 22.09 6.56
N ARG A 53 -5.58 22.96 5.61
CA ARG A 53 -6.14 24.26 5.97
C ARG A 53 -7.42 24.11 6.75
N LEU A 54 -8.28 23.17 6.35
CA LEU A 54 -9.54 22.92 7.01
C LEU A 54 -9.32 22.43 8.43
N ILE A 55 -8.29 21.57 8.64
CA ILE A 55 -7.93 21.14 10.00
C ILE A 55 -7.49 22.36 10.81
N LEU A 56 -6.54 23.18 10.29
CA LEU A 56 -6.09 24.35 11.05
C LEU A 56 -7.24 25.32 11.35
N SER A 57 -8.28 25.38 10.50
CA SER A 57 -9.43 26.25 10.79
C SER A 57 -10.26 25.73 11.99
N LYS A 58 -10.23 24.41 12.27
CA LYS A 58 -10.97 23.87 13.43
C LYS A 58 -10.18 23.94 14.73
N TYR A 59 -8.85 23.94 14.66
CA TYR A 59 -8.01 24.07 15.85
C TYR A 59 -7.51 25.49 15.85
N ASP A 60 -8.46 26.41 16.05
CA ASP A 60 -8.37 27.86 15.87
C ASP A 60 -7.80 28.69 17.02
N ASP A 61 -7.29 28.06 18.08
CA ASP A 61 -6.65 28.81 19.16
C ASP A 61 -5.42 28.06 19.70
N ASN A 62 -4.59 28.73 20.51
CA ASN A 62 -3.36 28.10 21.02
C ASN A 62 -3.58 26.76 21.74
N GLN A 63 -4.67 26.62 22.51
CA GLN A 63 -4.91 25.38 23.27
C GLN A 63 -5.40 24.25 22.35
N LYS A 64 -6.19 24.58 21.32
CA LYS A 64 -6.62 23.60 20.33
C LYS A 64 -5.38 23.18 19.51
N LEU A 65 -4.52 24.14 19.14
CA LEU A 65 -3.30 23.87 18.37
C LEU A 65 -2.32 22.97 19.11
N ALA A 66 -2.26 23.12 20.44
CA ALA A 66 -1.39 22.31 21.28
C ALA A 66 -1.87 20.87 21.27
N GLN A 67 -3.20 20.65 21.44
CA GLN A 67 -3.84 19.33 21.38
C GLN A 67 -3.54 18.70 20.00
N LEU A 68 -3.68 19.47 18.92
CA LEU A 68 -3.39 18.99 17.56
C LEU A 68 -1.91 18.59 17.36
N SER A 69 -0.97 19.42 17.85
CA SER A 69 0.47 19.19 17.68
C SER A 69 0.94 17.88 18.33
N GLU A 70 0.32 17.47 19.44
CA GLU A 70 0.74 16.23 20.10
C GLU A 70 -0.18 15.05 19.81
N ASN A 71 -1.11 15.16 18.85
CA ASN A 71 -1.97 14.04 18.47
C ASN A 71 -1.06 13.01 17.78
N GLU A 72 -1.02 11.77 18.31
CA GLU A 72 -0.11 10.74 17.81
C GLU A 72 -0.23 10.51 16.30
N TYR A 73 -1.45 10.32 15.81
CA TYR A 73 -1.68 10.10 14.39
C TYR A 73 -1.20 11.32 13.56
N PHE A 74 -1.56 12.55 14.01
CA PHE A 74 -1.20 13.75 13.25
C PHE A 74 0.31 13.96 13.11
N LYS A 75 1.07 13.67 14.18
CA LYS A 75 2.53 13.73 14.15
C LYS A 75 3.08 12.77 13.10
N ILE A 76 2.55 11.54 13.07
CA ILE A 76 3.01 10.54 12.10
C ILE A 76 2.63 10.98 10.70
N TYR A 77 1.41 11.48 10.53
CA TYR A 77 0.93 11.95 9.25
C TYR A 77 1.82 13.09 8.69
N ILE A 78 2.07 14.15 9.48
CA ILE A 78 2.89 15.29 9.04
C ILE A 78 4.31 14.87 8.73
N ASP A 79 4.91 14.05 9.61
CA ASP A 79 6.26 13.52 9.37
C ASP A 79 6.29 12.70 8.05
N SER A 80 5.28 11.85 7.81
CA SER A 80 5.19 11.03 6.60
C SER A 80 4.98 11.90 5.35
N LEU A 81 4.10 12.90 5.43
CA LEU A 81 3.88 13.83 4.32
C LEU A 81 5.15 14.57 3.95
N MET A 82 5.89 15.02 4.98
CA MET A 82 7.17 15.70 4.78
C MET A 82 8.18 14.77 4.09
N LYS A 83 8.34 13.55 4.58
CA LYS A 83 9.29 12.59 4.00
C LYS A 83 8.97 12.23 2.57
N LYS A 84 7.69 11.99 2.28
CA LYS A 84 7.28 11.62 0.92
C LYS A 84 7.45 12.78 -0.04
N SER A 85 7.16 14.02 0.41
CA SER A 85 7.35 15.20 -0.44
C SER A 85 8.84 15.39 -0.74
N LYS A 86 9.68 15.24 0.29
CA LYS A 86 11.15 15.32 0.14
C LYS A 86 11.64 14.21 -0.79
N ARG A 87 11.04 13.01 -0.70
CA ARG A 87 11.41 11.89 -1.56
C ARG A 87 11.08 12.18 -3.01
N ALA A 88 9.93 12.81 -3.28
CA ALA A 88 9.54 13.15 -4.65
C ALA A 88 10.49 14.18 -5.24
N ILE A 89 10.92 15.17 -4.43
CA ILE A 89 11.89 16.19 -4.88
C ILE A 89 13.24 15.52 -5.25
N ARG A 90 13.71 14.59 -4.40
CA ARG A 90 14.93 13.82 -4.58
C ARG A 90 14.86 12.96 -5.84
N LEU A 91 13.70 12.37 -6.09
CA LEU A 91 13.47 11.55 -7.27
C LEU A 91 13.68 12.36 -8.56
N PHE A 92 13.17 13.61 -8.62
CA PHE A 92 13.37 14.44 -9.80
C PHE A 92 14.84 14.83 -9.93
N LYS A 93 15.47 15.19 -8.82
CA LYS A 93 16.87 15.62 -8.74
C LYS A 93 17.85 14.57 -9.27
N GLU A 94 17.68 13.32 -8.84
CA GLU A 94 18.57 12.23 -9.28
C GLU A 94 18.13 11.64 -10.62
N GLY A 95 16.83 11.63 -10.86
CA GLY A 95 16.25 11.06 -12.06
C GLY A 95 16.66 11.77 -13.30
N LYS A 96 16.81 13.10 -13.22
CA LYS A 96 17.24 13.97 -14.33
C LYS A 96 16.38 13.70 -15.59
N GLU A 97 16.96 13.28 -16.72
CA GLU A 97 16.19 13.02 -17.94
C GLU A 97 15.38 11.74 -17.90
N ARG A 98 15.69 10.81 -16.98
CA ARG A 98 14.91 9.56 -16.84
C ARG A 98 13.45 9.85 -16.40
N MET A 99 13.23 10.98 -15.72
CA MET A 99 11.86 11.38 -15.37
C MET A 99 11.00 11.63 -16.61
N TYR A 100 11.63 12.00 -17.74
CA TYR A 100 10.90 12.27 -18.97
C TYR A 100 10.61 10.99 -19.78
N GLU A 101 11.18 9.83 -19.39
CA GLU A 101 10.93 8.56 -20.07
C GLU A 101 9.88 7.82 -19.26
N GLU A 102 8.69 7.64 -19.85
CA GLU A 102 7.53 7.00 -19.26
C GLU A 102 7.77 5.58 -18.71
N GLN A 103 8.76 4.85 -19.25
CA GLN A 103 9.00 3.47 -18.82
C GLN A 103 10.15 3.32 -17.80
N SER A 104 10.83 4.41 -17.43
CA SER A 104 11.93 4.35 -16.48
C SER A 104 11.50 3.94 -15.05
N GLN A 105 12.46 3.45 -14.26
CA GLN A 105 12.18 3.10 -12.87
C GLN A 105 11.84 4.37 -12.03
N ASP A 106 12.44 5.49 -12.39
CA ASP A 106 12.23 6.81 -11.80
C ASP A 106 10.75 7.21 -11.94
N ARG A 107 10.19 7.06 -13.13
CA ARG A 107 8.78 7.38 -13.36
C ARG A 107 7.87 6.38 -12.65
N ARG A 108 8.31 5.11 -12.54
CA ARG A 108 7.57 4.09 -11.83
C ARG A 108 7.46 4.47 -10.34
N ASN A 109 8.57 4.98 -9.78
CA ASN A 109 8.70 5.44 -8.41
C ASN A 109 7.79 6.66 -8.21
N LEU A 110 7.65 7.55 -9.21
CA LEU A 110 6.72 8.69 -9.13
C LEU A 110 5.28 8.18 -9.02
N THR A 111 4.95 7.12 -9.77
CA THR A 111 3.64 6.49 -9.65
C THR A 111 3.44 5.90 -8.25
N LYS A 112 4.48 5.26 -7.69
CA LYS A 112 4.37 4.74 -6.32
C LYS A 112 4.07 5.89 -5.33
N LEU A 113 4.77 7.03 -5.48
CA LEU A 113 4.53 8.19 -4.61
C LEU A 113 3.17 8.80 -4.81
N SER A 114 2.67 8.80 -6.05
CA SER A 114 1.37 9.39 -6.37
C SER A 114 0.28 8.53 -5.68
N LEU A 115 0.44 7.18 -5.72
CA LEU A 115 -0.48 6.28 -5.02
C LEU A 115 -0.45 6.59 -3.50
N ILE A 116 0.75 6.72 -2.91
CA ILE A 116 0.91 7.04 -1.49
C ILE A 116 0.19 8.35 -1.12
N PHE A 117 0.43 9.42 -1.88
CA PHE A 117 -0.21 10.70 -1.62
C PHE A 117 -1.74 10.60 -1.70
N SER A 118 -2.22 9.81 -2.67
CA SER A 118 -3.68 9.59 -2.82
C SER A 118 -4.22 8.89 -1.59
N HIS A 119 -3.54 7.80 -1.14
CA HIS A 119 -4.00 7.06 0.04
C HIS A 119 -3.94 7.92 1.29
N MET A 120 -2.89 8.78 1.40
CA MET A 120 -2.75 9.70 2.53
C MET A 120 -3.87 10.71 2.59
N LEU A 121 -4.32 11.20 1.41
CA LEU A 121 -5.39 12.15 1.37
C LEU A 121 -6.68 11.49 1.82
N ALA A 122 -6.96 10.28 1.34
CA ALA A 122 -8.18 9.55 1.74
C ALA A 122 -8.12 9.26 3.23
N GLU A 123 -6.92 8.95 3.78
CA GLU A 123 -6.78 8.63 5.19
C GLU A 123 -7.09 9.87 6.04
N ILE A 124 -6.49 11.02 5.72
CA ILE A 124 -6.65 12.22 6.55
C ILE A 124 -8.10 12.70 6.51
N LYS A 125 -8.82 12.48 5.39
CA LYS A 125 -10.22 12.88 5.27
C LYS A 125 -11.11 11.96 6.10
N ALA A 126 -10.73 10.70 6.25
CA ALA A 126 -11.47 9.77 7.09
C ALA A 126 -11.18 10.00 8.57
N ILE A 127 -9.92 10.31 8.93
CA ILE A 127 -9.53 10.50 10.34
C ILE A 127 -9.86 11.89 10.87
N PHE A 128 -9.81 12.88 10.00
CA PHE A 128 -10.17 14.26 10.35
C PHE A 128 -11.33 14.70 9.44
N PRO A 129 -12.51 14.03 9.48
CA PRO A 129 -13.60 14.47 8.60
C PRO A 129 -14.03 15.87 8.97
N ASN A 130 -14.17 16.73 7.95
CA ASN A 130 -14.49 18.14 8.11
C ASN A 130 -13.47 18.86 9.03
N GLY A 131 -12.20 18.42 8.98
CA GLY A 131 -11.11 18.98 9.76
C GLY A 131 -11.06 18.63 11.23
N GLN A 132 -11.95 17.76 11.72
CA GLN A 132 -12.00 17.43 13.15
C GLN A 132 -11.56 15.99 13.47
N PHE A 133 -10.68 15.81 14.47
CA PHE A 133 -10.18 14.48 14.79
C PHE A 133 -11.26 13.56 15.28
N GLN A 134 -11.48 12.45 14.55
CA GLN A 134 -12.43 11.42 14.90
C GLN A 134 -11.79 10.01 14.90
N GLY A 135 -10.48 9.93 15.12
CA GLY A 135 -9.77 8.66 15.10
C GLY A 135 -10.23 7.72 16.20
N ASP A 136 -10.52 8.27 17.39
CA ASP A 136 -11.00 7.43 18.50
C ASP A 136 -12.47 6.99 18.29
N ASN A 137 -13.25 7.76 17.54
CA ASN A 137 -14.62 7.38 17.20
C ASN A 137 -14.70 6.75 15.80
N PHE A 138 -13.58 6.27 15.23
CA PHE A 138 -13.59 5.72 13.87
C PHE A 138 -14.23 4.34 13.91
N ARG A 139 -15.18 4.10 13.04
CA ARG A 139 -15.89 2.83 13.01
C ARG A 139 -15.31 1.94 11.94
N ILE A 140 -14.68 0.83 12.33
CA ILE A 140 -14.18 -0.15 11.35
C ILE A 140 -15.42 -0.85 10.80
N THR A 141 -15.53 -0.97 9.48
CA THR A 141 -16.74 -1.48 8.85
C THR A 141 -17.11 -2.91 9.28
N LYS A 142 -16.18 -3.87 9.17
CA LYS A 142 -16.51 -5.25 9.52
C LYS A 142 -16.34 -5.43 11.05
N ALA A 143 -17.40 -5.87 11.76
CA ALA A 143 -17.42 -6.04 13.22
C ALA A 143 -16.42 -7.04 13.71
N ASP A 144 -16.22 -8.14 12.98
CA ASP A 144 -15.28 -9.14 13.44
C ASP A 144 -13.84 -8.60 13.38
N ALA A 145 -13.54 -7.84 12.31
CA ALA A 145 -12.23 -7.20 12.17
C ALA A 145 -12.08 -6.12 13.27
N ALA A 146 -13.13 -5.37 13.54
CA ALA A 146 -13.10 -4.32 14.55
C ALA A 146 -12.76 -4.88 15.93
N GLU A 147 -13.28 -6.08 16.23
CA GLU A 147 -13.04 -6.74 17.53
C GLU A 147 -11.55 -7.05 17.67
N PHE A 148 -10.90 -7.48 16.58
CA PHE A 148 -9.45 -7.78 16.59
C PHE A 148 -8.68 -6.51 16.90
N TRP A 149 -9.05 -5.39 16.21
CA TRP A 149 -8.33 -4.12 16.41
C TRP A 149 -8.47 -3.69 17.87
N ARG A 150 -9.68 -3.75 18.41
CA ARG A 150 -9.91 -3.36 19.81
C ARG A 150 -9.20 -4.30 20.78
N LYS A 151 -9.19 -5.59 20.52
CA LYS A 151 -8.55 -6.56 21.39
C LYS A 151 -7.06 -6.26 21.57
N PHE A 152 -6.35 -6.03 20.44
CA PHE A 152 -4.90 -5.88 20.46
C PHE A 152 -4.40 -4.46 20.57
N PHE A 153 -5.22 -3.50 20.12
CA PHE A 153 -4.79 -2.12 20.04
C PHE A 153 -5.72 -1.12 20.77
N GLY A 154 -6.78 -1.59 21.41
CA GLY A 154 -7.70 -0.72 22.15
C GLY A 154 -8.30 0.39 21.29
N ASP A 155 -8.13 1.65 21.73
CA ASP A 155 -8.63 2.79 20.94
C ASP A 155 -7.55 3.47 20.11
N LYS A 156 -6.40 2.81 19.87
CA LYS A 156 -5.35 3.39 19.03
C LYS A 156 -5.90 3.70 17.65
N THR A 157 -5.51 4.87 17.13
CA THR A 157 -5.85 5.23 15.76
C THR A 157 -4.74 4.66 14.80
N ILE A 158 -3.53 4.41 15.31
CA ILE A 158 -2.41 3.99 14.49
C ILE A 158 -1.45 3.20 15.36
N VAL A 159 -0.88 2.13 14.80
CA VAL A 159 0.10 1.32 15.52
C VAL A 159 1.27 0.99 14.60
N PRO A 160 2.49 0.78 15.13
CA PRO A 160 3.60 0.38 14.22
C PRO A 160 3.30 -0.92 13.48
N TRP A 161 3.83 -1.09 12.26
CA TRP A 161 3.72 -2.35 11.52
C TRP A 161 4.24 -3.54 12.33
N LYS A 162 5.39 -3.38 12.98
CA LYS A 162 6.03 -4.45 13.78
C LYS A 162 4.99 -5.08 14.77
N VAL A 163 4.28 -4.23 15.53
CA VAL A 163 3.28 -4.62 16.53
C VAL A 163 2.06 -5.20 15.85
N PHE A 164 1.57 -4.53 14.78
CA PHE A 164 0.42 -5.02 14.03
C PHE A 164 0.67 -6.45 13.52
N ARG A 165 1.77 -6.67 12.84
CA ARG A 165 2.08 -7.96 12.22
C ARG A 165 2.19 -9.04 13.28
N GLN A 166 2.86 -8.75 14.40
CA GLN A 166 2.99 -9.76 15.48
C GLN A 166 1.58 -10.12 16.04
N CYS A 167 0.72 -9.12 16.20
CA CYS A 167 -0.62 -9.37 16.75
C CYS A 167 -1.51 -10.08 15.74
N LEU A 168 -1.37 -9.76 14.44
CA LEU A 168 -2.15 -10.43 13.39
C LEU A 168 -1.80 -11.91 13.38
N HIS A 169 -0.49 -12.21 13.48
CA HIS A 169 0.02 -13.58 13.47
C HIS A 169 -0.58 -14.41 14.62
N GLU A 170 -1.04 -13.78 15.69
CA GLU A 170 -1.69 -14.49 16.79
C GLU A 170 -3.01 -15.10 16.34
N VAL A 171 -3.71 -14.45 15.38
CA VAL A 171 -5.00 -14.90 14.89
C VAL A 171 -4.88 -15.60 13.51
N HIS A 172 -4.15 -15.00 12.57
CA HIS A 172 -3.98 -15.56 11.24
C HIS A 172 -2.47 -15.72 10.99
N GLN A 173 -1.99 -16.96 10.99
CA GLN A 173 -0.58 -17.21 10.81
C GLN A 173 -0.01 -16.76 9.46
N ILE A 174 1.11 -16.07 9.56
CA ILE A 174 1.86 -15.61 8.39
C ILE A 174 2.99 -16.60 8.32
N SER A 175 3.08 -17.34 7.23
CA SER A 175 4.07 -18.42 7.18
C SER A 175 5.53 -18.01 6.84
N SER A 176 5.79 -16.79 6.32
CA SER A 176 7.17 -16.46 5.92
C SER A 176 7.49 -14.96 5.96
N GLY A 177 8.78 -14.64 5.83
CA GLY A 177 9.27 -13.27 5.81
C GLY A 177 8.81 -12.64 4.53
N LEU A 178 8.88 -13.38 3.39
CA LEU A 178 8.38 -12.80 2.14
C LEU A 178 6.88 -12.63 2.21
N GLU A 179 6.12 -13.58 2.84
CA GLU A 179 4.66 -13.34 2.96
C GLU A 179 4.37 -12.08 3.78
N ALA A 180 5.09 -11.87 4.90
CA ALA A 180 4.90 -10.65 5.73
C ALA A 180 5.28 -9.39 4.96
N MET A 181 6.31 -9.46 4.13
CA MET A 181 6.71 -8.28 3.34
C MET A 181 5.60 -7.96 2.31
N ALA A 182 5.06 -8.99 1.64
CA ALA A 182 3.95 -8.82 0.69
C ALA A 182 2.72 -8.26 1.42
N LEU A 183 2.45 -8.76 2.61
CA LEU A 183 1.29 -8.29 3.39
C LEU A 183 1.50 -6.83 3.83
N LYS A 184 2.73 -6.44 4.21
CA LYS A 184 3.00 -5.05 4.59
C LYS A 184 2.70 -4.11 3.45
N SER A 185 3.16 -4.45 2.22
CA SER A 185 2.88 -3.59 1.08
C SER A 185 1.37 -3.50 0.74
N THR A 186 0.56 -4.44 1.25
CA THR A 186 -0.86 -4.46 0.98
C THR A 186 -1.61 -3.63 2.01
N ILE A 187 -1.21 -3.72 3.32
CA ILE A 187 -1.94 -3.02 4.39
C ILE A 187 -1.43 -1.65 4.62
N ASP A 188 -0.10 -1.47 4.61
CA ASP A 188 0.58 -0.17 4.78
C ASP A 188 0.56 0.57 3.43
N LEU A 189 -0.64 1.06 3.07
CA LEU A 189 -0.83 1.77 1.80
C LEU A 189 -0.09 3.11 1.78
N THR A 190 0.00 3.76 2.94
CA THR A 190 0.72 5.05 3.04
C THR A 190 2.22 4.87 3.09
N CYS A 191 2.74 3.60 3.12
CA CYS A 191 4.19 3.30 3.17
C CYS A 191 4.92 4.09 4.25
N ASN A 192 4.34 4.12 5.47
CA ASN A 192 4.99 4.84 6.55
C ASN A 192 5.40 3.93 7.70
N ASP A 193 5.32 2.59 7.54
CA ASP A 193 5.71 1.62 8.59
C ASP A 193 4.71 1.61 9.78
N TYR A 194 3.52 2.18 9.59
CA TYR A 194 2.47 2.14 10.58
C TYR A 194 1.23 1.62 9.91
N ILE A 195 0.31 1.10 10.72
CA ILE A 195 -0.99 0.70 10.24
C ILE A 195 -2.02 1.56 10.94
N SER A 196 -2.70 2.45 10.21
CA SER A 196 -3.77 3.23 10.81
C SER A 196 -5.06 2.40 10.82
N VAL A 197 -6.00 2.80 11.70
CA VAL A 197 -7.29 2.15 11.75
C VAL A 197 -8.02 2.24 10.37
N PHE A 198 -7.73 3.31 9.61
CA PHE A 198 -8.27 3.49 8.25
C PHE A 198 -7.66 2.45 7.29
N GLU A 199 -6.31 2.29 7.28
CA GLU A 199 -5.69 1.27 6.43
C GLU A 199 -6.22 -0.14 6.80
N PHE A 200 -6.40 -0.41 8.10
CA PHE A 200 -6.93 -1.70 8.56
C PHE A 200 -8.37 -1.87 8.03
N ASP A 201 -9.18 -0.80 8.08
CA ASP A 201 -10.55 -0.85 7.56
C ASP A 201 -10.54 -1.16 6.05
N ILE A 202 -9.66 -0.51 5.30
CA ILE A 202 -9.58 -0.75 3.83
C ILE A 202 -9.21 -2.19 3.54
N PHE A 203 -8.13 -2.70 4.19
CA PHE A 203 -7.71 -4.07 3.94
C PHE A 203 -8.83 -5.08 4.30
N THR A 204 -9.50 -4.90 5.47
CA THR A 204 -10.50 -5.88 5.90
C THR A 204 -11.75 -5.79 5.06
N ARG A 205 -12.05 -4.64 4.48
CA ARG A 205 -13.19 -4.53 3.54
C ARG A 205 -12.86 -5.30 2.26
N LEU A 206 -11.67 -5.11 1.74
CA LEU A 206 -11.28 -5.73 0.46
C LEU A 206 -11.20 -7.22 0.51
N PHE A 207 -10.66 -7.77 1.62
CA PHE A 207 -10.40 -9.20 1.69
C PHE A 207 -11.26 -9.92 2.73
N GLN A 208 -12.43 -9.39 3.01
CA GLN A 208 -13.40 -10.02 3.89
C GLN A 208 -13.86 -11.34 3.25
N PRO A 209 -14.37 -12.30 4.05
CA PRO A 209 -14.54 -12.26 5.51
C PRO A 209 -13.25 -12.42 6.33
N TRP A 210 -13.23 -11.73 7.46
CA TRP A 210 -12.12 -11.73 8.41
C TRP A 210 -11.63 -13.14 8.82
N GLY A 211 -12.54 -14.08 9.00
CA GLY A 211 -12.25 -15.45 9.40
C GLY A 211 -11.23 -16.15 8.54
N SER A 212 -11.12 -15.73 7.27
CA SER A 212 -10.15 -16.37 6.37
C SER A 212 -9.37 -15.32 5.58
N ILE A 213 -9.20 -14.12 6.14
CA ILE A 213 -8.66 -12.99 5.42
C ILE A 213 -7.33 -13.24 4.69
N LEU A 214 -6.34 -13.93 5.32
CA LEU A 214 -5.07 -14.10 4.65
C LEU A 214 -5.17 -15.07 3.51
N ARG A 215 -6.04 -16.09 3.62
CA ARG A 215 -6.29 -17.04 2.54
C ARG A 215 -6.99 -16.28 1.40
N ASN A 216 -7.96 -15.40 1.73
CA ASN A 216 -8.62 -14.58 0.70
C ASN A 216 -7.60 -13.69 -0.05
N TRP A 217 -6.71 -13.01 0.69
CA TRP A 217 -5.70 -12.14 0.11
C TRP A 217 -4.72 -12.96 -0.75
N ASN A 218 -4.21 -14.09 -0.22
CA ASN A 218 -3.27 -14.91 -0.99
C ASN A 218 -3.86 -15.40 -2.32
N PHE A 219 -5.10 -15.84 -2.29
CA PHE A 219 -5.77 -16.39 -3.46
C PHE A 219 -6.41 -15.35 -4.39
N LEU A 220 -6.81 -14.18 -3.87
CA LEU A 220 -7.45 -13.17 -4.73
C LEU A 220 -6.45 -12.18 -5.30
N ALA A 221 -5.39 -11.87 -4.54
CA ALA A 221 -4.44 -10.85 -4.98
C ALA A 221 -3.04 -11.35 -5.31
N VAL A 222 -2.47 -12.20 -4.45
CA VAL A 222 -1.08 -12.62 -4.68
C VAL A 222 -0.94 -13.51 -5.90
N THR A 223 -1.85 -14.45 -6.07
CA THR A 223 -1.69 -15.44 -7.14
C THR A 223 -2.81 -15.47 -8.18
N HIS A 224 -3.82 -14.56 -8.11
CA HIS A 224 -4.93 -14.63 -9.07
C HIS A 224 -4.61 -13.92 -10.37
N PRO A 225 -4.76 -14.61 -11.52
CA PRO A 225 -4.41 -13.97 -12.79
C PRO A 225 -5.31 -12.79 -13.19
N GLY A 226 -6.50 -12.71 -12.59
CA GLY A 226 -7.41 -11.63 -12.91
C GLY A 226 -7.14 -10.37 -12.12
N TYR A 227 -6.29 -10.47 -11.08
CA TYR A 227 -6.00 -9.32 -10.22
C TYR A 227 -5.06 -8.30 -10.88
N MET A 228 -5.51 -7.04 -10.98
CA MET A 228 -4.74 -5.94 -11.60
C MET A 228 -4.28 -4.82 -10.67
N ALA A 229 -4.45 -4.97 -9.36
CA ALA A 229 -3.98 -3.94 -8.39
C ALA A 229 -4.69 -2.55 -8.74
N PHE A 230 -4.01 -1.36 -8.66
CA PHE A 230 -4.59 -0.08 -8.97
C PHE A 230 -4.43 0.24 -10.44
N LEU A 231 -4.32 -0.77 -11.37
CA LEU A 231 -4.30 -0.49 -12.81
C LEU A 231 -5.55 0.34 -13.16
N THR A 232 -5.39 1.38 -13.96
CA THR A 232 -6.51 2.30 -14.23
C THR A 232 -7.65 1.63 -15.04
N TYR A 233 -8.82 2.27 -15.01
CA TYR A 233 -9.95 1.85 -15.82
C TYR A 233 -9.58 1.79 -17.32
N ASP A 234 -8.87 2.83 -17.86
CA ASP A 234 -8.53 2.83 -19.29
C ASP A 234 -7.65 1.68 -19.63
N GLU A 235 -6.68 1.37 -18.76
CA GLU A 235 -5.76 0.28 -19.04
C GLU A 235 -6.47 -1.07 -18.92
N VAL A 236 -7.44 -1.19 -17.99
CA VAL A 236 -8.20 -2.43 -17.83
C VAL A 236 -9.08 -2.65 -19.07
N LYS A 237 -9.72 -1.58 -19.55
CA LYS A 237 -10.55 -1.68 -20.75
C LYS A 237 -9.69 -2.07 -21.95
N ALA A 238 -8.51 -1.39 -22.11
CA ALA A 238 -7.58 -1.67 -23.22
C ALA A 238 -7.11 -3.12 -23.12
N ARG A 239 -6.86 -3.63 -21.90
CA ARG A 239 -6.42 -5.00 -21.67
C ARG A 239 -7.49 -6.01 -22.05
N LEU A 240 -8.75 -5.74 -21.71
CA LEU A 240 -9.85 -6.62 -22.08
C LEU A 240 -10.22 -6.49 -23.57
N GLN A 241 -9.88 -5.36 -24.22
CA GLN A 241 -10.17 -5.13 -25.65
C GLN A 241 -9.56 -6.25 -26.51
N LYS A 242 -8.36 -6.74 -26.12
CA LYS A 242 -7.72 -7.84 -26.86
C LYS A 242 -8.50 -9.17 -26.76
N TYR A 243 -9.45 -9.29 -25.79
CA TYR A 243 -10.29 -10.46 -25.55
C TYR A 243 -11.78 -10.20 -25.89
N SER A 244 -12.10 -9.13 -26.62
CA SER A 244 -13.48 -8.78 -26.93
C SER A 244 -14.26 -9.90 -27.62
N THR A 245 -13.58 -10.81 -28.33
CA THR A 245 -14.26 -11.94 -28.98
C THR A 245 -14.40 -13.17 -28.06
N LYS A 246 -14.00 -13.05 -26.79
CA LYS A 246 -14.11 -14.11 -25.81
C LYS A 246 -14.95 -13.59 -24.65
N PRO A 247 -16.29 -13.68 -24.77
CA PRO A 247 -17.18 -13.20 -23.69
C PRO A 247 -16.90 -13.97 -22.42
N GLY A 248 -16.94 -13.27 -21.28
CA GLY A 248 -16.60 -13.91 -20.03
C GLY A 248 -15.17 -13.64 -19.60
N SER A 249 -14.33 -13.01 -20.47
CA SER A 249 -12.98 -12.64 -20.06
C SER A 249 -13.18 -11.46 -19.07
N TYR A 250 -12.45 -11.49 -17.94
CA TYR A 250 -12.66 -10.49 -16.91
C TYR A 250 -11.41 -10.21 -16.16
N ILE A 251 -11.33 -9.02 -15.56
CA ILE A 251 -10.22 -8.67 -14.68
C ILE A 251 -10.80 -7.84 -13.54
N PHE A 252 -10.12 -7.77 -12.40
CA PHE A 252 -10.64 -6.94 -11.28
C PHE A 252 -9.53 -6.06 -10.77
N ARG A 253 -9.90 -4.85 -10.37
CA ARG A 253 -8.93 -3.87 -9.94
C ARG A 253 -9.41 -3.16 -8.69
N LEU A 254 -8.46 -2.55 -7.97
CA LEU A 254 -8.73 -1.70 -6.83
C LEU A 254 -8.86 -0.27 -7.41
N SER A 255 -9.75 0.49 -6.83
CA SER A 255 -9.95 1.87 -7.28
C SER A 255 -9.24 2.83 -6.34
N CYS A 256 -8.41 3.73 -6.87
CA CYS A 256 -7.71 4.67 -6.01
C CYS A 256 -8.67 5.75 -5.54
N THR A 257 -9.74 6.08 -6.32
CA THR A 257 -10.69 7.07 -5.85
C THR A 257 -11.76 6.48 -4.95
N ARG A 258 -11.98 5.16 -4.96
CA ARG A 258 -12.98 4.49 -4.11
C ARG A 258 -12.25 3.40 -3.27
N LEU A 259 -11.44 3.82 -2.31
CA LEU A 259 -10.65 2.85 -1.51
C LEU A 259 -11.54 1.93 -0.73
N GLY A 260 -11.21 0.65 -0.77
CA GLY A 260 -11.99 -0.37 -0.11
C GLY A 260 -12.97 -1.09 -1.01
N GLN A 261 -13.05 -0.69 -2.29
CA GLN A 261 -13.96 -1.28 -3.25
C GLN A 261 -13.19 -1.84 -4.44
N TRP A 262 -13.73 -2.89 -5.00
CA TRP A 262 -13.24 -3.54 -6.19
C TRP A 262 -14.08 -3.08 -7.40
N ALA A 263 -13.49 -3.19 -8.60
CA ALA A 263 -14.25 -2.91 -9.82
C ALA A 263 -13.92 -4.08 -10.76
N ILE A 264 -14.93 -4.80 -11.25
CA ILE A 264 -14.68 -5.97 -12.08
C ILE A 264 -15.04 -5.60 -13.51
N GLY A 265 -14.06 -5.57 -14.40
CA GLY A 265 -14.31 -5.29 -15.83
C GLY A 265 -14.52 -6.64 -16.51
N TYR A 266 -15.42 -6.72 -17.49
CA TYR A 266 -15.68 -7.98 -18.18
C TYR A 266 -16.21 -7.79 -19.59
N VAL A 267 -16.01 -8.83 -20.43
CA VAL A 267 -16.47 -8.84 -21.82
C VAL A 267 -17.87 -9.45 -21.88
N THR A 268 -18.86 -8.70 -22.40
CA THR A 268 -20.23 -9.17 -22.55
C THR A 268 -20.38 -10.05 -23.82
N GLY A 269 -21.54 -10.67 -23.99
CA GLY A 269 -21.84 -11.51 -25.14
C GLY A 269 -21.78 -10.77 -26.45
N ASP A 270 -22.03 -9.46 -26.43
CA ASP A 270 -22.01 -8.67 -27.67
C ASP A 270 -20.68 -7.95 -27.91
N GLY A 271 -19.63 -8.39 -27.24
CA GLY A 271 -18.29 -7.85 -27.40
C GLY A 271 -17.96 -6.60 -26.63
N ASN A 272 -18.94 -6.00 -25.93
CA ASN A 272 -18.67 -4.81 -25.12
C ASN A 272 -17.87 -5.08 -23.82
N ILE A 273 -17.16 -4.06 -23.30
CA ILE A 273 -16.43 -4.17 -22.04
C ILE A 273 -17.13 -3.30 -21.03
N LEU A 274 -17.76 -3.94 -20.06
CA LEU A 274 -18.49 -3.24 -19.01
C LEU A 274 -17.79 -3.45 -17.67
N GLN A 275 -18.25 -2.75 -16.65
CA GLN A 275 -17.72 -2.96 -15.32
C GLN A 275 -18.83 -2.98 -14.28
N THR A 276 -18.54 -3.57 -13.15
CA THR A 276 -19.46 -3.56 -12.03
C THR A 276 -18.64 -3.38 -10.75
N ILE A 277 -19.23 -2.77 -9.76
CA ILE A 277 -18.65 -2.62 -8.44
C ILE A 277 -19.41 -3.55 -7.51
N PRO A 278 -18.87 -4.71 -7.11
CA PRO A 278 -19.62 -5.57 -6.17
C PRO A 278 -19.95 -4.87 -4.84
N HIS A 279 -21.06 -5.22 -4.19
CA HIS A 279 -21.47 -4.65 -2.90
C HIS A 279 -20.49 -4.97 -1.75
N ASN A 280 -20.85 -4.67 -0.47
CA ASN A 280 -20.05 -4.94 0.75
C ASN A 280 -20.11 -6.45 1.05
N LYS A 281 -19.49 -7.23 0.19
CA LYS A 281 -19.51 -8.67 0.28
C LYS A 281 -18.17 -9.26 -0.21
N PRO A 282 -17.91 -10.55 0.05
CA PRO A 282 -16.64 -11.12 -0.39
C PRO A 282 -16.50 -11.11 -1.91
N LEU A 283 -15.35 -10.63 -2.41
CA LEU A 283 -15.03 -10.57 -3.83
C LEU A 283 -15.08 -11.98 -4.42
N PHE A 284 -14.58 -13.01 -3.68
CA PHE A 284 -14.63 -14.38 -4.18
C PHE A 284 -16.09 -14.84 -4.40
N GLN A 285 -17.05 -14.32 -3.58
CA GLN A 285 -18.46 -14.64 -3.74
C GLN A 285 -18.93 -14.07 -5.08
N ALA A 286 -18.69 -12.77 -5.34
CA ALA A 286 -19.06 -12.16 -6.63
C ALA A 286 -18.39 -12.88 -7.80
N LEU A 287 -17.17 -13.41 -7.61
CA LEU A 287 -16.47 -14.13 -8.68
C LEU A 287 -17.06 -15.52 -8.94
N ILE A 288 -17.39 -16.30 -7.87
CA ILE A 288 -18.00 -17.64 -7.98
C ILE A 288 -19.40 -17.54 -8.58
N ASP A 289 -20.20 -16.55 -8.10
CA ASP A 289 -21.55 -16.33 -8.61
C ASP A 289 -21.49 -15.97 -10.10
N GLY A 290 -20.58 -15.06 -10.45
CA GLY A 290 -20.40 -14.61 -11.83
C GLY A 290 -19.89 -15.72 -12.71
N SER A 291 -19.10 -16.66 -12.18
CA SER A 291 -18.62 -17.78 -12.97
C SER A 291 -19.80 -18.68 -13.36
N ARG A 292 -20.71 -18.94 -12.40
CA ARG A 292 -21.86 -19.77 -12.62
C ARG A 292 -22.86 -19.14 -13.58
N GLU A 293 -23.00 -17.81 -13.55
CA GLU A 293 -23.91 -17.14 -14.49
C GLU A 293 -23.28 -16.81 -15.86
N GLY A 294 -22.05 -17.23 -16.09
CA GLY A 294 -21.39 -17.05 -17.37
C GLY A 294 -20.77 -15.71 -17.62
N PHE A 295 -20.68 -14.87 -16.60
CA PHE A 295 -20.12 -13.54 -16.74
C PHE A 295 -18.61 -13.50 -16.55
N TYR A 296 -18.08 -14.23 -15.56
CA TYR A 296 -16.66 -14.20 -15.26
C TYR A 296 -16.07 -15.59 -15.42
N LEU A 297 -15.53 -15.89 -16.58
CA LEU A 297 -15.00 -17.20 -16.89
C LEU A 297 -13.50 -17.22 -17.13
N TYR A 298 -12.97 -16.21 -17.80
CA TYR A 298 -11.58 -16.21 -18.22
C TYR A 298 -10.81 -15.08 -17.63
N PRO A 299 -10.14 -15.30 -16.49
CA PRO A 299 -9.41 -14.20 -15.83
C PRO A 299 -8.27 -13.71 -16.71
N ASP A 300 -8.28 -12.43 -17.08
CA ASP A 300 -7.32 -11.83 -18.00
C ASP A 300 -7.28 -12.59 -19.34
N GLY A 301 -8.42 -13.11 -19.77
CA GLY A 301 -8.52 -13.85 -21.02
C GLY A 301 -7.97 -15.26 -20.97
N ARG A 302 -7.42 -15.67 -19.82
CA ARG A 302 -6.85 -17.01 -19.66
C ARG A 302 -7.92 -18.06 -19.58
N SER A 303 -7.65 -19.22 -20.18
CA SER A 303 -8.57 -20.34 -20.23
C SER A 303 -8.86 -20.89 -18.84
N TYR A 304 -7.85 -20.87 -17.95
CA TYR A 304 -8.01 -21.40 -16.60
C TYR A 304 -8.51 -20.36 -15.61
N ASN A 305 -9.69 -20.58 -15.04
CA ASN A 305 -10.22 -19.71 -14.01
C ASN A 305 -10.00 -20.43 -12.67
N PRO A 306 -9.09 -19.96 -11.80
CA PRO A 306 -8.89 -20.64 -10.51
C PRO A 306 -10.17 -20.97 -9.74
N ASP A 307 -10.23 -22.17 -9.14
CA ASP A 307 -11.39 -22.58 -8.34
C ASP A 307 -11.32 -21.86 -6.99
N LEU A 308 -12.27 -20.98 -6.71
CA LEU A 308 -12.30 -20.21 -5.47
C LEU A 308 -13.25 -20.75 -4.39
N THR A 309 -13.94 -21.88 -4.65
CA THR A 309 -14.90 -22.44 -3.71
C THR A 309 -14.28 -22.93 -2.38
N GLY A 310 -12.96 -23.16 -2.36
CA GLY A 310 -12.24 -23.57 -1.16
C GLY A 310 -12.35 -22.53 -0.05
N LEU A 311 -12.44 -21.24 -0.43
CA LEU A 311 -12.59 -20.11 0.48
C LEU A 311 -13.96 -20.06 1.18
N CYS A 312 -14.95 -20.86 0.73
CA CYS A 312 -16.25 -20.90 1.38
C CYS A 312 -16.22 -21.69 2.71
N GLU A 313 -15.38 -22.74 2.79
CA GLU A 313 -15.29 -23.55 4.01
C GLU A 313 -13.89 -24.13 4.20
N LYS A 321 1.46 -23.10 0.25
CA LYS A 321 1.11 -23.27 -1.17
C LYS A 321 1.53 -22.07 -2.05
N VAL A 322 1.57 -20.82 -1.52
CA VAL A 322 2.06 -19.68 -2.33
C VAL A 322 3.60 -19.76 -2.27
N THR A 323 4.28 -19.72 -3.42
CA THR A 323 5.73 -19.85 -3.44
C THR A 323 6.45 -18.57 -3.00
N GLN A 324 7.74 -18.66 -2.65
CA GLN A 324 8.55 -17.49 -2.32
C GLN A 324 8.70 -16.60 -3.57
N GLU A 325 8.83 -17.22 -4.77
CA GLU A 325 8.93 -16.51 -6.03
C GLU A 325 7.64 -15.69 -6.28
N GLN A 326 6.46 -16.25 -6.00
CA GLN A 326 5.20 -15.50 -6.15
C GLN A 326 5.15 -14.28 -5.20
N TYR A 327 5.62 -14.41 -3.95
CA TYR A 327 5.67 -13.26 -3.02
C TYR A 327 6.66 -12.20 -3.51
N GLU A 328 7.84 -12.65 -4.01
CA GLU A 328 8.85 -11.76 -4.54
C GLU A 328 8.32 -10.92 -5.71
N LEU A 329 7.65 -11.57 -6.69
CA LEU A 329 7.10 -10.81 -7.82
C LEU A 329 6.00 -9.80 -7.34
N TYR A 330 5.13 -10.20 -6.40
CA TYR A 330 4.06 -9.34 -5.86
C TYR A 330 4.69 -8.09 -5.20
N CYS A 331 5.83 -8.26 -4.51
CA CYS A 331 6.49 -7.14 -3.80
C CYS A 331 7.05 -6.04 -4.72
N GLU A 332 7.33 -6.34 -6.02
CA GLU A 332 7.91 -5.36 -6.94
C GLU A 332 7.19 -4.01 -6.94
N MET A 333 5.86 -4.03 -6.91
CA MET A 333 5.08 -2.78 -6.95
C MET A 333 5.12 -1.99 -5.62
N GLY A 334 5.44 -2.66 -4.51
CA GLY A 334 5.50 -2.00 -3.23
C GLY A 334 6.78 -1.23 -3.01
N SER A 335 6.93 -0.66 -1.79
CA SER A 335 8.07 0.11 -1.33
C SER A 335 8.58 -0.57 -0.04
N THR A 336 9.18 -1.74 -0.20
CA THR A 336 9.69 -2.57 0.89
C THR A 336 11.14 -2.95 0.75
N PHE A 337 11.85 -2.45 -0.28
CA PHE A 337 13.28 -2.79 -0.46
C PHE A 337 14.11 -2.44 0.79
N GLN A 338 13.70 -1.43 1.56
CA GLN A 338 14.45 -1.01 2.76
C GLN A 338 14.20 -1.90 4.02
N LEU A 339 13.27 -2.83 3.93
CA LEU A 339 12.90 -3.66 5.06
C LEU A 339 13.70 -4.93 5.03
N CYS A 340 14.15 -5.40 6.22
CA CYS A 340 14.90 -6.66 6.30
C CYS A 340 13.98 -7.81 5.81
N LYS A 341 14.43 -8.60 4.84
CA LYS A 341 13.64 -9.72 4.27
C LYS A 341 13.51 -10.94 5.19
N ILE A 342 14.42 -11.05 6.19
CA ILE A 342 14.37 -12.18 7.08
C ILE A 342 13.25 -12.01 8.08
N CYS A 343 13.15 -10.82 8.72
CA CYS A 343 12.15 -10.64 9.77
C CYS A 343 10.93 -9.88 9.30
N ALA A 344 11.11 -9.01 8.29
CA ALA A 344 10.05 -8.14 7.76
C ALA A 344 9.48 -7.23 8.86
N GLU A 345 10.33 -6.84 9.85
CA GLU A 345 9.85 -5.93 10.88
C GLU A 345 10.86 -4.86 11.25
N ASN A 346 12.15 -5.05 10.95
CA ASN A 346 13.15 -4.02 11.16
C ASN A 346 13.70 -3.62 9.79
N ASP A 347 14.10 -2.35 9.63
CA ASP A 347 14.71 -1.92 8.38
C ASP A 347 16.14 -2.44 8.31
N LYS A 348 16.61 -2.62 7.06
CA LYS A 348 17.99 -3.01 6.79
C LYS A 348 18.91 -1.94 7.38
N ASP A 349 19.89 -2.36 8.19
CA ASP A 349 20.82 -1.43 8.77
C ASP A 349 22.26 -1.95 8.72
N VAL A 350 22.51 -3.12 8.09
CA VAL A 350 23.86 -3.64 7.99
C VAL A 350 24.11 -4.28 6.62
N LYS A 351 25.30 -4.04 6.08
CA LYS A 351 25.74 -4.58 4.80
C LYS A 351 26.84 -5.58 5.02
N ILE A 352 26.70 -6.78 4.49
CA ILE A 352 27.75 -7.81 4.59
C ILE A 352 28.77 -7.61 3.49
N GLU A 353 30.06 -7.78 3.79
CA GLU A 353 31.12 -7.69 2.79
C GLU A 353 31.78 -9.07 2.69
N PRO A 354 32.21 -9.49 1.48
CA PRO A 354 32.14 -8.76 0.21
C PRO A 354 30.85 -8.92 -0.61
N CYS A 355 29.93 -9.83 -0.24
CA CYS A 355 28.74 -10.07 -1.06
C CYS A 355 27.81 -8.88 -1.24
N GLY A 356 27.75 -7.98 -0.26
CA GLY A 356 26.89 -6.82 -0.33
C GLY A 356 25.45 -7.04 0.09
N HIS A 357 25.07 -8.25 0.57
CA HIS A 357 23.66 -8.45 1.02
C HIS A 357 23.34 -7.58 2.26
N LEU A 358 22.07 -7.19 2.42
CA LEU A 358 21.60 -6.27 3.44
C LEU A 358 20.56 -6.89 4.32
N MET A 359 20.61 -6.59 5.62
CA MET A 359 19.60 -7.11 6.56
C MET A 359 19.64 -6.22 7.84
N CYS A 360 18.80 -6.52 8.84
CA CYS A 360 18.91 -5.77 10.09
C CYS A 360 19.97 -6.50 10.94
N THR A 361 20.58 -5.77 11.86
CA THR A 361 21.60 -6.27 12.77
C THR A 361 21.06 -7.35 13.66
N SER A 362 19.83 -7.22 14.10
CA SER A 362 19.20 -8.24 14.97
C SER A 362 19.17 -9.62 14.27
N CYS A 363 18.83 -9.66 12.97
CA CYS A 363 18.81 -10.93 12.23
C CYS A 363 20.21 -11.41 11.96
N LEU A 364 21.16 -10.51 11.67
CA LEU A 364 22.54 -10.93 11.43
C LEU A 364 23.12 -11.55 12.73
N THR A 365 22.81 -10.94 13.87
CA THR A 365 23.31 -11.44 15.17
C THR A 365 22.74 -12.80 15.46
N ALA A 366 21.42 -13.02 15.20
CA ALA A 366 20.80 -14.31 15.43
C ALA A 366 21.46 -15.36 14.54
N TRP A 367 21.69 -15.02 13.26
CA TRP A 367 22.36 -15.93 12.34
C TRP A 367 23.79 -16.31 12.82
N GLN A 368 24.59 -15.32 13.22
CA GLN A 368 25.95 -15.54 13.68
C GLN A 368 25.98 -16.40 14.93
N GLU A 369 25.02 -16.16 15.84
CA GLU A 369 24.91 -16.93 17.08
C GLU A 369 24.37 -18.34 16.89
N SER A 370 23.82 -18.66 15.73
CA SER A 370 23.34 -19.98 15.36
C SER A 370 24.43 -20.81 14.65
N ASP A 371 25.66 -20.26 14.53
CA ASP A 371 26.74 -20.80 13.75
C ASP A 371 26.32 -20.98 12.29
N GLY A 372 25.59 -20.00 11.77
CA GLY A 372 25.17 -20.00 10.38
C GLY A 372 26.41 -19.76 9.54
N GLN A 373 26.57 -20.55 8.46
CA GLN A 373 27.78 -20.43 7.66
C GLN A 373 27.67 -19.24 6.73
N GLY A 374 28.65 -18.35 6.82
CA GLY A 374 28.67 -17.14 6.02
C GLY A 374 27.41 -16.30 6.04
N CYS A 375 27.13 -15.64 4.90
CA CYS A 375 25.98 -14.78 4.74
C CYS A 375 24.68 -15.60 4.78
N PRO A 376 23.62 -15.12 5.48
CA PRO A 376 22.37 -15.91 5.53
C PRO A 376 21.73 -16.14 4.17
N PHE A 377 21.99 -15.26 3.21
CA PHE A 377 21.39 -15.38 1.89
C PHE A 377 22.20 -16.20 0.91
N CYS A 378 23.51 -15.98 0.80
CA CYS A 378 24.33 -16.64 -0.22
C CYS A 378 25.36 -17.61 0.32
N ARG A 379 25.56 -17.65 1.65
CA ARG A 379 26.50 -18.50 2.36
C ARG A 379 27.99 -18.16 2.11
N CYS A 380 28.28 -17.07 1.37
CA CYS A 380 29.66 -16.60 1.16
C CYS A 380 30.26 -16.17 2.50
N GLU A 381 31.58 -16.33 2.67
CA GLU A 381 32.23 -15.93 3.92
C GLU A 381 31.99 -14.46 4.26
N ILE A 382 31.70 -14.16 5.54
CA ILE A 382 31.51 -12.78 5.96
C ILE A 382 32.87 -12.26 6.28
N LYS A 383 33.41 -11.42 5.42
CA LYS A 383 34.72 -10.81 5.65
C LYS A 383 34.63 -9.56 6.56
N GLY A 384 33.47 -8.92 6.57
CA GLY A 384 33.22 -7.73 7.37
C GLY A 384 31.79 -7.23 7.19
N THR A 385 31.44 -6.22 7.97
CA THR A 385 30.12 -5.59 7.93
C THR A 385 30.28 -4.07 7.94
N GLU A 386 29.23 -3.37 7.54
CA GLU A 386 29.22 -1.92 7.55
C GLU A 386 27.81 -1.48 7.88
N PRO A 387 27.62 -0.52 8.81
CA PRO A 387 26.28 0.03 9.02
C PRO A 387 25.82 0.81 7.80
N ILE A 388 24.56 0.65 7.39
CA ILE A 388 24.02 1.32 6.20
C ILE A 388 22.59 1.79 6.46
N ILE A 389 22.09 2.73 5.65
CA ILE A 389 20.70 3.22 5.72
C ILE A 389 20.18 3.05 4.29
N VAL A 390 19.05 2.35 4.14
CA VAL A 390 18.46 2.03 2.85
C VAL A 390 17.13 2.79 2.65
N ASP A 391 16.92 3.23 1.44
CA ASP A 391 15.66 3.83 1.04
C ASP A 391 14.92 2.80 0.17
N PRO A 392 13.58 2.80 0.17
CA PRO A 392 12.85 1.85 -0.73
C PRO A 392 13.16 1.89 -2.22
N PHE A 393 13.70 3.01 -2.74
CA PHE A 393 13.94 3.12 -4.17
C PHE A 393 15.41 2.83 -4.55
N ASP A 394 16.18 2.18 -3.67
CA ASP A 394 17.57 1.83 -3.99
C ASP A 394 17.67 0.55 -4.83
#